data_7OA3
#
_entry.id   7OA3
#
_cell.length_a   70.605
_cell.length_b   54.026
_cell.length_c   87.532
_cell.angle_alpha   90.000
_cell.angle_beta   95.494
_cell.angle_gamma   90.000
#
_symmetry.space_group_name_H-M   'I 1 2 1'
#
loop_
_entity.id
_entity.type
_entity.pdbx_description
1 polymer 'Chili RNA Aptamer'
2 non-polymer DMHBO+
3 non-polymer "GUANOSINE-5'-TRIPHOSPHATE"
4 non-polymer 'POTASSIUM ION'
5 non-polymer 'IRIDIUM ION'
6 non-polymer 'MAGNESIUM ION'
#
_entity_poly.entity_id   1
_entity_poly.type   'polyribonucleotide'
_entity_poly.pdbx_seq_one_letter_code
;GGCUAGCUGGAGGGGCGCCAGUUCGCUGGUGGUUGGGUGCGGUCGGCUAGCC
;
_entity_poly.pdbx_strand_id   A,B
#
loop_
_chem_comp.id
_chem_comp.type
_chem_comp.name
_chem_comp.formula
A RNA linking ADENOSINE-5'-MONOPHOSPHATE 'C10 H14 N5 O7 P'
C RNA linking CYTIDINE-5'-MONOPHOSPHATE 'C9 H14 N3 O8 P'
G RNA linking GUANOSINE-5'-MONOPHOSPHATE 'C10 H14 N5 O8 P'
GTP non-polymer GUANOSINE-5'-TRIPHOSPHATE 'C10 H16 N5 O14 P3'
IR non-polymer 'IRIDIUM ION' 'Ir 4'
K non-polymer 'POTASSIUM ION' 'K 1'
MG non-polymer 'MAGNESIUM ION' 'Mg 2'
U RNA linking URIDINE-5'-MONOPHOSPHATE 'C9 H13 N2 O9 P'
V5Z non-polymer DMHBO+ 'C22 H25 N4 O5 1'
#
# COMPACT_ATOMS: atom_id res chain seq x y z
C01 V5Z C . 8.35 -14.17 -0.23
C03 V5Z C . 9.62 -12.62 -1.42
C04 V5Z C . 10.12 -11.64 -0.55
C05 V5Z C . 11.38 -11.09 -0.77
C06 V5Z C . 11.98 -10.01 0.15
C07 V5Z C . 11.32 -9.33 1.09
C09 V5Z C . 9.87 -8.68 2.54
C10 V5Z C . 8.62 -8.63 3.42
C14 V5Z C . 10.91 -6.66 3.31
C15 V5Z C . 11.84 -6.58 4.35
C16 V5Z C . 11.89 -5.44 5.15
C17 V5Z C . 11.03 -4.37 4.91
C19 V5Z C . 12.16 -3.23 6.69
C20 V5Z C . 9.81 -3.00 6.43
C21 V5Z C . 11.28 -1.99 4.87
C22 V5Z C . 10.11 -4.45 3.86
C23 V5Z C . 10.05 -5.60 3.07
C24 V5Z C . 11.75 -8.14 1.66
C26 V5Z C . 12.13 -11.52 -1.86
C27 V5Z C . 11.64 -12.49 -2.72
C29 V5Z C . 13.31 -11.98 -4.30
C30 V5Z C . 10.38 -13.04 -2.50
N08 V5Z C . 10.16 -9.64 1.66
N11 V5Z C . 7.50 -8.88 2.95
N13 V5Z C . 10.85 -7.77 2.55
N18 V5Z C . 11.08 -3.15 5.73
O02 V5Z C . 8.36 -13.16 -1.20
O12 V5Z C . 7.35 -9.22 1.58
O25 V5Z C . 12.76 -7.58 1.41
O28 V5Z C . 12.40 -12.92 -3.82
O31 V5Z C . 9.88 -14.02 -3.37
PG GTP D . -9.46 1.74 -17.35
O1G GTP D . -10.60 2.41 -18.08
O2G GTP D . -9.51 2.13 -15.89
O3G GTP D . -9.59 0.23 -17.49
O3B GTP D . -8.02 2.25 -18.01
PB GTP D . -7.42 1.70 -19.46
O1B GTP D . -8.49 0.87 -20.17
O2B GTP D . -7.04 2.88 -20.33
O3A GTP D . -6.09 0.75 -19.19
PA GTP D . -6.18 -0.80 -18.57
O1A GTP D . -4.77 -1.35 -18.37
O2A GTP D . -6.91 -0.78 -17.26
O5' GTP D . -7.00 -1.76 -19.65
C5' GTP D . -6.41 -2.95 -20.03
C4' GTP D . -6.38 -3.04 -21.60
O4' GTP D . -6.94 -1.98 -22.13
C3' GTP D . -4.95 -3.00 -22.11
O3' GTP D . -4.41 -4.25 -22.13
C2' GTP D . -5.12 -2.45 -23.56
O2' GTP D . -5.42 -3.58 -24.49
C1' GTP D . -6.12 -1.65 -23.49
N9 GTP D . -5.62 -0.27 -23.44
C8 GTP D . -5.77 0.53 -22.35
N7 GTP D . -5.22 1.74 -22.62
C5 GTP D . -4.72 1.70 -23.86
C6 GTP D . -3.98 2.75 -24.72
O6 GTP D . -3.76 3.83 -24.27
N1 GTP D . -3.55 2.41 -26.07
C2 GTP D . -3.82 1.10 -26.59
N2 GTP D . -3.39 0.75 -27.94
N3 GTP D . -4.54 0.09 -25.76
C4 GTP D . -4.97 0.43 -24.38
K K E . 8.02 -11.01 -7.22
K K F . 10.29 -13.93 -6.26
IR IR G . 10.40 -14.77 -17.89
IR IR H . 15.69 -30.02 2.42
IR IR I . 8.57 -0.11 -14.35
MG MG J . 10.16 -21.19 0.58
C01 V5Z K . -13.33 -4.84 8.57
C03 V5Z K . -13.61 -2.54 8.26
C04 V5Z K . -13.84 -2.25 6.91
C05 V5Z K . -14.70 -1.22 6.54
C06 V5Z K . -14.99 -0.87 5.07
C07 V5Z K . -14.33 -1.33 4.00
C09 V5Z K . -13.09 -2.48 2.66
C10 V5Z K . -12.19 -3.57 2.11
C14 V5Z K . -13.30 -1.18 0.67
C15 V5Z K . -12.23 -0.37 0.35
C16 V5Z K . -11.94 -0.07 -0.98
C17 V5Z K . -12.72 -0.58 -2.00
C19 V5Z K . -13.01 -1.23 -4.30
C20 V5Z K . -10.96 -0.26 -3.58
C21 V5Z K . -12.93 1.06 -3.71
C22 V5Z K . -13.81 -1.39 -1.68
C23 V5Z K . -14.10 -1.70 -0.36
C24 V5Z K . -14.32 -0.72 2.77
C26 V5Z K . -15.32 -0.49 7.53
C27 V5Z K . -15.11 -0.76 8.88
C29 V5Z K . -16.09 1.30 9.48
C30 V5Z K . -14.25 -1.78 9.23
N08 V5Z K . -13.56 -2.41 3.91
N11 V5Z K . -11.21 -3.98 2.78
N13 V5Z K . -13.57 -1.45 1.96
N18 V5Z K . -12.40 -0.26 -3.39
O02 V5Z K . -12.76 -3.57 8.62
O12 V5Z K . -10.38 -4.99 2.25
O25 V5Z K . -14.88 0.27 2.47
O28 V5Z K . -15.75 0.00 9.87
O31 V5Z K . -14.02 -2.06 10.60
PG GTP L . 11.59 10.03 12.72
O1G GTP L . 12.46 9.73 13.93
O2G GTP L . 11.95 9.09 11.59
O3G GTP L . 11.81 11.47 12.28
O3B GTP L . 9.99 9.82 13.13
PB GTP L . 9.26 10.60 14.40
O1B GTP L . 10.20 11.66 14.96
O2B GTP L . 7.98 11.26 13.93
O3A GTP L . 8.90 9.50 15.59
PA GTP L . 9.85 9.26 16.94
O1A GTP L . 9.27 8.13 17.79
O2A GTP L . 11.25 8.89 16.50
O5' GTP L . 9.90 10.65 17.81
C5' GTP L . 9.45 10.63 19.12
C4' GTP L . 8.38 11.77 19.29
O4' GTP L . 8.88 12.93 18.95
C3' GTP L . 7.22 11.52 18.34
O3' GTP L . 6.02 11.71 18.98
C2' GTP L . 7.41 12.58 17.24
O2' GTP L . 6.11 12.89 16.58
C1' GTP L . 7.83 13.58 17.92
N9 GTP L . 8.45 14.60 17.07
C8 GTP L . 8.80 14.35 15.77
N7 GTP L . 9.33 15.49 15.24
C5 GTP L . 9.32 16.43 16.20
C6 GTP L . 9.79 17.91 16.22
O6 GTP L . 10.27 18.39 15.24
N1 GTP L . 9.64 18.69 17.42
C2 GTP L . 9.05 18.09 18.61
N2 GTP L . 8.90 18.88 19.82
N3 GTP L . 8.61 16.67 18.58
C4 GTP L . 8.76 15.87 17.35
K K M . -10.77 1.34 12.01
K K N . -13.66 0.11 12.80
IR IR O . -5.24 13.46 9.82
IR IR P . -27.37 -13.48 15.34
MG MG Q . -17.76 -9.13 8.52
#